data_3RJX
#
_entry.id   3RJX
#
_cell.length_a   81.712
_cell.length_b   85.210
_cell.length_c   53.501
_cell.angle_alpha   90.00
_cell.angle_beta   90.00
_cell.angle_gamma   90.00
#
_symmetry.space_group_name_H-M   'P 21 21 2'
#
loop_
_entity.id
_entity.type
_entity.pdbx_description
1 polymer 'Endoglucanase FnCel5A'
2 water water
#
_entity_poly.entity_id   1
_entity_poly.type   'polypeptide(L)'
_entity_poly.pdbx_seq_one_letter_code
;MDQSVSNVDKSSAFEYNKMIGHGINMGNALEAPVEGSWGVYIEDEYFKIIKERGFDSVRIPIRWSAHISEKYPYEIDKFF
LDRVKHVVDVALKNDLVVIINCHHFEELYQAPDKYGPVLVEIWKQVAQAFKDYPDKLFFEIFNEPAQNLTPTKWNELYPK
VLGEIRKTNPSRIVIIDVPNWSNYSYVRELKLVDDKNIIVSFHYYEPFNFTHQGAEWVSPTLPIGVKWEGKDWEVEQIRN
HFKYVSEWAKKNNVPIFLGEFGAYSKADMESRVKWTKTVRRIAEEFGFSLAYWEFCAGFGLYDRWTKTWIEPLTTSALGK
;
_entity_poly.pdbx_strand_id   A
#
# COMPACT_ATOMS: atom_id res chain seq x y z
N VAL A 8 0.19 -26.47 16.35
CA VAL A 8 0.64 -25.17 15.78
C VAL A 8 0.44 -25.18 14.23
N ASP A 9 -0.69 -25.76 13.83
CA ASP A 9 -1.26 -25.54 12.50
C ASP A 9 -1.81 -24.09 12.48
N LYS A 10 -1.07 -23.18 11.83
CA LYS A 10 -1.48 -21.77 11.63
C LYS A 10 -1.87 -21.49 10.17
N SER A 11 -2.77 -20.53 9.98
CA SER A 11 -3.23 -20.16 8.65
C SER A 11 -2.08 -19.53 7.88
N SER A 12 -1.87 -19.99 6.65
CA SER A 12 -0.78 -19.54 5.76
C SER A 12 -0.79 -18.04 5.50
N ALA A 13 -1.95 -17.54 5.06
CA ALA A 13 -2.17 -16.11 4.85
C ALA A 13 -1.66 -15.30 6.02
N PHE A 14 -2.04 -15.73 7.22
CA PHE A 14 -1.65 -15.09 8.46
C PHE A 14 -0.17 -15.13 8.76
N GLU A 15 0.48 -16.25 8.49
CA GLU A 15 1.95 -16.28 8.62
C GLU A 15 2.68 -15.38 7.59
N TYR A 16 2.20 -15.36 6.36
CA TYR A 16 2.74 -14.44 5.36
C TYR A 16 2.52 -12.94 5.68
N ASN A 17 1.42 -12.64 6.33
CA ASN A 17 1.11 -11.30 6.76
C ASN A 17 2.06 -10.78 7.87
N LYS A 18 2.50 -11.70 8.72
CA LYS A 18 3.46 -11.41 9.76
C LYS A 18 4.81 -11.02 9.18
N MET A 19 5.16 -11.62 8.06
CA MET A 19 6.37 -11.31 7.29
C MET A 19 6.39 -9.89 6.74
N ILE A 20 5.23 -9.27 6.51
CA ILE A 20 5.19 -7.86 6.11
C ILE A 20 5.73 -7.01 7.26
N GLY A 21 5.45 -7.44 8.50
CA GLY A 21 5.80 -6.71 9.71
C GLY A 21 5.55 -5.21 9.64
N HIS A 22 6.60 -4.45 9.95
CA HIS A 22 6.55 -3.03 9.84
C HIS A 22 7.23 -2.69 8.53
N GLY A 23 6.46 -2.17 7.57
CA GLY A 23 7.00 -1.88 6.24
C GLY A 23 7.02 -0.40 5.93
N ILE A 24 7.47 -0.07 4.72
CA ILE A 24 7.46 1.31 4.24
C ILE A 24 7.02 1.36 2.79
N ASN A 25 6.28 2.39 2.44
CA ASN A 25 5.98 2.62 1.02
C ASN A 25 7.12 3.33 0.26
N MET A 26 7.40 2.89 -0.96
CA MET A 26 8.36 3.57 -1.85
C MET A 26 7.65 4.61 -2.73
N GLY A 27 7.16 5.67 -2.12
CA GLY A 27 6.17 6.51 -2.75
C GLY A 27 6.69 7.55 -3.73
N ASN A 28 5.80 8.00 -4.62
CA ASN A 28 6.02 9.08 -5.61
C ASN A 28 7.00 8.71 -6.72
N ALA A 29 7.25 7.41 -6.91
CA ALA A 29 8.26 6.97 -7.85
C ALA A 29 7.64 6.28 -9.07
N LEU A 30 7.45 4.96 -9.01
CA LEU A 30 6.99 4.23 -10.21
C LEU A 30 5.47 4.41 -10.52
N GLU A 31 4.76 5.07 -9.59
CA GLU A 31 3.32 5.44 -9.79
C GLU A 31 3.15 6.83 -10.34
N ALA A 32 4.26 7.53 -10.55
CA ALA A 32 4.25 8.78 -11.33
C ALA A 32 4.12 8.41 -12.81
N PRO A 33 3.75 9.38 -13.71
CA PRO A 33 3.64 9.04 -15.13
C PRO A 33 4.91 8.41 -15.65
N VAL A 34 6.02 9.11 -15.38
CA VAL A 34 7.37 8.69 -15.66
C VAL A 34 8.16 8.74 -14.33
N GLU A 35 8.87 7.66 -14.00
CA GLU A 35 9.62 7.63 -12.74
C GLU A 35 10.61 8.80 -12.61
N GLY A 36 10.40 9.63 -11.57
CA GLY A 36 11.28 10.74 -11.27
C GLY A 36 10.58 12.05 -11.56
N SER A 37 9.48 11.98 -12.32
CA SER A 37 8.83 13.19 -12.78
C SER A 37 8.17 13.92 -11.61
N TRP A 38 8.02 13.21 -10.48
CA TRP A 38 7.51 13.85 -9.25
C TRP A 38 8.55 14.25 -8.22
N GLY A 39 9.80 13.80 -8.36
CA GLY A 39 10.88 14.22 -7.45
C GLY A 39 11.64 13.03 -6.91
N VAL A 40 11.11 11.83 -7.17
CA VAL A 40 11.71 10.61 -6.61
C VAL A 40 12.09 9.60 -7.67
N TYR A 41 13.31 9.10 -7.55
CA TYR A 41 13.75 8.01 -8.39
C TYR A 41 14.37 6.94 -7.52
N ILE A 42 13.85 5.72 -7.60
CA ILE A 42 14.34 4.66 -6.71
C ILE A 42 15.81 4.36 -7.01
N GLU A 43 16.66 4.51 -6.00
CA GLU A 43 18.09 4.15 -6.06
C GLU A 43 18.26 2.85 -5.31
N ASP A 44 19.16 1.98 -5.82
CA ASP A 44 19.36 0.66 -5.27
C ASP A 44 19.62 0.74 -3.79
N GLU A 45 20.43 1.73 -3.42
CA GLU A 45 20.84 1.91 -2.04
C GLU A 45 19.68 2.06 -1.06
N TYR A 46 18.56 2.56 -1.57
CA TYR A 46 17.35 2.81 -0.78
C TYR A 46 16.96 1.59 0.05
N PHE A 47 16.90 0.45 -0.63
CA PHE A 47 16.54 -0.85 0.00
C PHE A 47 17.49 -1.30 1.10
N LYS A 48 18.79 -1.26 0.87
CA LYS A 48 19.78 -1.45 1.97
C LYS A 48 19.51 -0.54 3.15
N ILE A 49 19.37 0.76 2.85
CA ILE A 49 19.08 1.77 3.86
C ILE A 49 17.80 1.42 4.65
N ILE A 50 16.74 1.05 3.93
CA ILE A 50 15.51 0.67 4.56
C ILE A 50 15.75 -0.58 5.42
N LYS A 51 16.38 -1.61 4.88
CA LYS A 51 16.69 -2.80 5.68
C LYS A 51 17.53 -2.47 6.94
N GLU A 52 18.58 -1.66 6.82
CA GLU A 52 19.42 -1.39 7.99
C GLU A 52 18.62 -0.65 9.07
N ARG A 53 17.59 0.10 8.69
CA ARG A 53 16.88 0.84 9.73
C ARG A 53 16.00 -0.07 10.56
N GLY A 54 15.63 -1.23 10.02
CA GLY A 54 14.80 -2.22 10.72
C GLY A 54 13.44 -2.55 10.08
N PHE A 55 13.20 -2.09 8.85
CA PHE A 55 11.93 -2.33 8.23
C PHE A 55 11.94 -3.75 7.70
N ASP A 56 10.77 -4.41 7.72
CA ASP A 56 10.68 -5.78 7.24
C ASP A 56 10.35 -5.86 5.74
N SER A 57 9.70 -4.83 5.19
CA SER A 57 9.09 -4.94 3.87
C SER A 57 8.98 -3.57 3.23
N VAL A 58 8.86 -3.59 1.91
CA VAL A 58 8.65 -2.37 1.16
C VAL A 58 7.46 -2.57 0.24
N ARG A 59 6.64 -1.54 0.13
CA ARG A 59 5.47 -1.62 -0.73
C ARG A 59 5.71 -0.68 -1.92
N ILE A 60 5.57 -1.18 -3.14
CA ILE A 60 5.98 -0.42 -4.32
C ILE A 60 4.81 -0.11 -5.26
N PRO A 61 4.24 1.13 -5.18
CA PRO A 61 3.32 1.70 -6.15
C PRO A 61 3.92 1.72 -7.56
N ILE A 62 3.18 1.21 -8.56
CA ILE A 62 3.65 1.10 -9.94
C ILE A 62 2.49 1.52 -10.85
N ARG A 63 2.67 2.56 -11.64
CA ARG A 63 1.63 2.86 -12.65
C ARG A 63 1.80 2.06 -13.98
N TRP A 64 1.56 0.76 -13.95
CA TRP A 64 1.61 -0.06 -15.17
C TRP A 64 0.84 0.57 -16.36
N SER A 65 -0.30 1.17 -16.06
CA SER A 65 -1.15 1.71 -17.10
C SER A 65 -0.54 2.85 -17.94
N ALA A 66 0.59 3.42 -17.50
CA ALA A 66 1.26 4.46 -18.32
C ALA A 66 2.34 3.87 -19.23
N HIS A 67 2.53 2.55 -19.15
CA HIS A 67 3.63 1.87 -19.82
C HIS A 67 3.16 0.65 -20.59
N ILE A 68 2.03 0.77 -21.25
CA ILE A 68 1.47 -0.33 -21.99
C ILE A 68 1.06 0.09 -23.40
N SER A 69 0.87 -0.92 -24.22
CA SER A 69 0.45 -0.75 -25.59
C SER A 69 -0.97 -0.33 -25.65
N GLU A 70 -1.21 0.56 -26.59
CA GLU A 70 -2.52 1.05 -26.96
C GLU A 70 -3.44 -0.10 -27.42
N LYS A 71 -2.89 -1.15 -28.03
CA LYS A 71 -3.80 -2.22 -28.53
C LYS A 71 -3.71 -3.59 -27.88
N TYR A 72 -4.89 -4.24 -27.82
CA TYR A 72 -5.10 -5.52 -27.14
C TYR A 72 -4.02 -6.50 -27.56
N PRO A 73 -3.43 -7.26 -26.61
CA PRO A 73 -3.73 -7.35 -25.17
C PRO A 73 -2.89 -6.44 -24.22
N TYR A 74 -2.52 -5.23 -24.66
CA TYR A 74 -1.94 -4.21 -23.76
C TYR A 74 -0.60 -4.58 -23.13
N GLU A 75 0.31 -5.00 -23.99
CA GLU A 75 1.61 -5.48 -23.57
C GLU A 75 2.37 -4.35 -22.94
N ILE A 76 3.16 -4.71 -21.94
CA ILE A 76 3.91 -3.75 -21.15
C ILE A 76 5.21 -3.51 -21.86
N ASP A 77 5.58 -2.22 -21.93
CA ASP A 77 6.87 -1.78 -22.41
C ASP A 77 7.95 -2.53 -21.63
N LYS A 78 8.79 -3.22 -22.40
CA LYS A 78 9.81 -4.12 -21.89
C LYS A 78 10.79 -3.37 -21.00
N PHE A 79 11.16 -2.17 -21.41
CA PHE A 79 12.04 -1.37 -20.58
C PHE A 79 11.42 -1.24 -19.21
N PHE A 80 10.14 -0.90 -19.17
CA PHE A 80 9.49 -0.64 -17.90
C PHE A 80 9.40 -1.91 -17.06
N LEU A 81 8.99 -3.01 -17.67
CA LEU A 81 8.93 -4.26 -16.96
C LEU A 81 10.33 -4.67 -16.46
N ASP A 82 11.37 -4.57 -17.31
CA ASP A 82 12.77 -4.70 -16.86
C ASP A 82 13.14 -3.81 -15.67
N ARG A 83 12.64 -2.57 -15.69
CA ARG A 83 12.88 -1.65 -14.57
C ARG A 83 12.21 -2.15 -13.29
N VAL A 84 10.96 -2.55 -13.34
CA VAL A 84 10.29 -3.12 -12.16
C VAL A 84 11.00 -4.38 -11.67
N LYS A 85 11.39 -5.24 -12.61
CA LYS A 85 12.16 -6.45 -12.25
C LYS A 85 13.48 -6.11 -11.57
N HIS A 86 14.16 -5.07 -12.03
CA HIS A 86 15.38 -4.67 -11.37
C HIS A 86 15.13 -4.32 -9.89
N VAL A 87 14.21 -3.38 -9.68
CA VAL A 87 13.83 -2.83 -8.38
C VAL A 87 13.43 -3.88 -7.36
N VAL A 88 12.67 -4.89 -7.80
CA VAL A 88 12.25 -6.05 -7.00
C VAL A 88 13.48 -6.92 -6.64
N ASP A 89 14.31 -7.25 -7.63
CA ASP A 89 15.54 -7.99 -7.37
C ASP A 89 16.30 -7.30 -6.24
N VAL A 90 16.51 -5.99 -6.37
CA VAL A 90 17.33 -5.27 -5.42
C VAL A 90 16.70 -5.28 -4.03
N ALA A 91 15.36 -5.29 -3.94
CA ALA A 91 14.70 -5.26 -2.62
C ALA A 91 14.84 -6.63 -1.92
N LEU A 92 14.60 -7.70 -2.69
CA LEU A 92 14.81 -9.09 -2.22
C LEU A 92 16.27 -9.41 -1.89
N LYS A 93 17.20 -8.75 -2.57
CA LYS A 93 18.64 -8.91 -2.34
C LYS A 93 18.94 -8.40 -0.94
N ASN A 94 18.10 -7.46 -0.51
CA ASN A 94 18.26 -6.89 0.80
C ASN A 94 17.31 -7.55 1.82
N ASP A 95 16.86 -8.78 1.55
CA ASP A 95 15.93 -9.46 2.49
C ASP A 95 14.71 -8.63 2.95
N LEU A 96 14.09 -7.90 2.04
CA LEU A 96 12.84 -7.24 2.37
C LEU A 96 11.80 -8.07 1.66
N VAL A 97 10.66 -8.27 2.31
CA VAL A 97 9.47 -8.80 1.68
C VAL A 97 9.03 -7.63 0.79
N VAL A 98 8.47 -7.92 -0.38
CA VAL A 98 8.22 -6.88 -1.40
C VAL A 98 6.81 -7.02 -1.94
N ILE A 99 6.02 -5.96 -1.79
CA ILE A 99 4.68 -5.88 -2.40
C ILE A 99 4.67 -5.01 -3.69
N ILE A 100 4.29 -5.60 -4.83
CA ILE A 100 4.07 -4.77 -6.00
C ILE A 100 2.60 -4.66 -6.28
N ASN A 101 2.14 -3.48 -6.65
CA ASN A 101 0.71 -3.28 -6.98
C ASN A 101 0.47 -2.68 -8.41
N CYS A 102 -0.79 -2.45 -8.72
CA CYS A 102 -1.16 -1.49 -9.75
C CYS A 102 -1.71 -0.26 -9.04
N HIS A 103 -1.27 0.90 -9.49
CA HIS A 103 -1.46 2.15 -8.78
C HIS A 103 -1.77 3.25 -9.79
N HIS A 104 -2.71 4.14 -9.43
CA HIS A 104 -2.96 5.37 -10.17
C HIS A 104 -3.38 5.09 -11.61
N PHE A 105 -4.34 4.19 -11.81
CA PHE A 105 -4.91 3.88 -13.13
C PHE A 105 -6.15 4.77 -13.32
N GLU A 106 -5.91 6.03 -13.68
CA GLU A 106 -6.94 7.04 -13.78
C GLU A 106 -8.19 6.59 -14.57
N GLU A 107 -7.98 5.94 -15.70
CA GLU A 107 -9.04 5.51 -16.58
C GLU A 107 -9.93 4.45 -15.92
N LEU A 108 -9.35 3.64 -15.08
CA LEU A 108 -10.08 2.58 -14.42
C LEU A 108 -11.07 3.21 -13.40
N TYR A 109 -10.66 4.32 -12.79
CA TYR A 109 -11.50 5.07 -11.85
C TYR A 109 -12.68 5.69 -12.57
N GLN A 110 -12.48 6.13 -13.81
CA GLN A 110 -13.57 6.75 -14.55
C GLN A 110 -14.48 5.76 -15.26
N ALA A 111 -13.88 4.78 -15.95
CA ALA A 111 -14.67 3.83 -16.75
C ALA A 111 -14.21 2.41 -16.53
N PRO A 112 -14.57 1.85 -15.37
CA PRO A 112 -14.23 0.51 -14.94
C PRO A 112 -14.69 -0.60 -15.89
N ASP A 113 -15.87 -0.47 -16.48
CA ASP A 113 -16.36 -1.51 -17.37
C ASP A 113 -15.43 -1.66 -18.57
N LYS A 114 -14.87 -0.54 -19.02
CA LYS A 114 -14.01 -0.55 -20.19
C LYS A 114 -12.60 -0.94 -19.83
N TYR A 115 -12.09 -0.43 -18.71
CA TYR A 115 -10.68 -0.57 -18.35
C TYR A 115 -10.38 -1.69 -17.40
N GLY A 116 -11.41 -2.29 -16.83
CA GLY A 116 -11.22 -3.45 -15.97
C GLY A 116 -10.46 -4.52 -16.73
N PRO A 117 -10.91 -4.79 -17.98
CA PRO A 117 -10.18 -5.76 -18.78
C PRO A 117 -8.71 -5.42 -19.10
N VAL A 118 -8.35 -4.12 -19.09
CA VAL A 118 -6.95 -3.73 -19.14
C VAL A 118 -6.17 -4.16 -17.85
N LEU A 119 -6.77 -4.02 -16.68
CA LEU A 119 -6.12 -4.47 -15.43
C LEU A 119 -5.87 -5.99 -15.38
N VAL A 120 -6.87 -6.75 -15.79
CA VAL A 120 -6.77 -8.19 -16.01
C VAL A 120 -5.56 -8.49 -16.90
N GLU A 121 -5.51 -7.85 -18.05
CA GLU A 121 -4.41 -8.04 -18.94
C GLU A 121 -3.08 -7.66 -18.28
N ILE A 122 -3.03 -6.45 -17.71
CA ILE A 122 -1.82 -6.00 -17.06
C ILE A 122 -1.30 -7.10 -16.13
N TRP A 123 -2.18 -7.61 -15.26
CA TRP A 123 -1.80 -8.63 -14.30
C TRP A 123 -1.50 -10.00 -14.91
N LYS A 124 -2.08 -10.29 -16.07
CA LYS A 124 -1.71 -11.52 -16.72
C LYS A 124 -0.20 -11.48 -17.01
N GLN A 125 0.28 -10.32 -17.45
CA GLN A 125 1.69 -10.15 -17.83
C GLN A 125 2.64 -10.02 -16.64
N VAL A 126 2.20 -9.33 -15.60
CA VAL A 126 2.99 -9.19 -14.38
C VAL A 126 3.08 -10.55 -13.65
N ALA A 127 1.95 -11.22 -13.48
CA ALA A 127 2.00 -12.56 -12.86
C ALA A 127 2.89 -13.49 -13.66
N GLN A 128 2.90 -13.31 -14.97
CA GLN A 128 3.66 -14.21 -15.82
C GLN A 128 5.18 -13.94 -15.64
N ALA A 129 5.58 -12.67 -15.63
CA ALA A 129 6.99 -12.32 -15.56
C ALA A 129 7.53 -12.69 -14.19
N PHE A 130 6.71 -12.51 -13.16
CA PHE A 130 7.17 -12.78 -11.79
C PHE A 130 6.87 -14.20 -11.26
N LYS A 131 6.40 -15.09 -12.13
CA LYS A 131 5.86 -16.37 -11.67
C LYS A 131 6.83 -17.20 -10.84
N ASP A 132 8.13 -17.10 -11.16
CA ASP A 132 9.15 -17.95 -10.51
C ASP A 132 9.90 -17.20 -9.36
N TYR A 133 9.39 -16.03 -8.95
CA TYR A 133 10.02 -15.29 -7.86
C TYR A 133 9.73 -15.98 -6.55
N PRO A 134 10.63 -15.84 -5.56
CA PRO A 134 10.44 -16.43 -4.23
C PRO A 134 9.16 -15.90 -3.63
N ASP A 135 8.59 -16.65 -2.68
CA ASP A 135 7.31 -16.27 -2.09
C ASP A 135 7.37 -14.98 -1.27
N LYS A 136 8.55 -14.38 -1.19
CA LYS A 136 8.76 -13.12 -0.47
C LYS A 136 8.22 -11.94 -1.21
N LEU A 137 7.91 -12.12 -2.50
CA LEU A 137 7.27 -11.10 -3.34
C LEU A 137 5.77 -11.32 -3.30
N PHE A 138 5.00 -10.33 -2.84
CA PHE A 138 3.54 -10.44 -2.77
C PHE A 138 3.00 -9.55 -3.90
N PHE A 139 1.83 -9.87 -4.47
CA PHE A 139 1.16 -8.99 -5.39
C PHE A 139 -0.02 -8.32 -4.66
N GLU A 140 -0.47 -7.20 -5.21
CA GLU A 140 -1.60 -6.43 -4.71
C GLU A 140 -2.32 -5.88 -5.94
N ILE A 141 -3.46 -6.47 -6.28
CA ILE A 141 -4.13 -6.21 -7.55
C ILE A 141 -4.27 -4.73 -7.95
N PHE A 142 -4.79 -3.90 -7.04
CA PHE A 142 -4.96 -2.48 -7.32
C PHE A 142 -5.05 -1.67 -6.03
N ASN A 143 -4.49 -0.47 -6.05
CA ASN A 143 -4.50 0.46 -4.93
C ASN A 143 -5.77 1.30 -4.90
N GLU A 144 -6.44 1.31 -3.74
CA GLU A 144 -7.53 2.23 -3.45
C GLU A 144 -8.61 2.33 -4.54
N PRO A 145 -9.43 1.27 -4.71
CA PRO A 145 -10.56 1.45 -5.64
C PRO A 145 -11.43 2.55 -5.10
N ALA A 146 -12.07 3.27 -6.02
CA ALA A 146 -12.71 4.55 -5.73
C ALA A 146 -13.49 5.07 -6.94
N GLN A 147 -14.20 6.17 -6.72
CA GLN A 147 -14.98 6.85 -7.77
C GLN A 147 -15.91 5.84 -8.47
N ASN A 148 -15.74 5.66 -9.79
CA ASN A 148 -16.68 4.78 -10.50
C ASN A 148 -16.39 3.30 -10.35
N LEU A 149 -15.20 2.99 -9.83
CA LEU A 149 -14.85 1.62 -9.43
C LEU A 149 -15.40 1.42 -8.03
N THR A 150 -16.70 1.24 -7.99
CA THR A 150 -17.49 1.18 -6.75
C THR A 150 -17.21 -0.11 -5.95
N PRO A 151 -17.75 -0.19 -4.71
CA PRO A 151 -17.57 -1.49 -4.03
C PRO A 151 -18.07 -2.67 -4.88
N THR A 152 -19.22 -2.50 -5.51
CA THR A 152 -19.81 -3.54 -6.35
C THR A 152 -18.92 -3.96 -7.56
N LYS A 153 -18.44 -3.00 -8.34
CA LYS A 153 -17.59 -3.25 -9.53
C LYS A 153 -16.27 -3.85 -9.11
N TRP A 154 -15.85 -3.53 -7.90
CA TRP A 154 -14.56 -3.97 -7.41
C TRP A 154 -14.74 -5.42 -7.05
N ASN A 155 -15.85 -5.71 -6.38
CA ASN A 155 -16.20 -7.10 -6.10
C ASN A 155 -16.39 -7.95 -7.36
N GLU A 156 -16.82 -7.32 -8.46
CA GLU A 156 -16.84 -7.98 -9.76
C GLU A 156 -15.46 -8.07 -10.44
N LEU A 157 -14.71 -6.97 -10.44
CA LEU A 157 -13.40 -6.92 -11.13
C LEU A 157 -12.32 -7.76 -10.46
N TYR A 158 -12.06 -7.54 -9.18
CA TYR A 158 -10.82 -8.10 -8.60
C TYR A 158 -10.69 -9.63 -8.70
N PRO A 159 -11.82 -10.38 -8.63
CA PRO A 159 -11.71 -11.83 -8.80
C PRO A 159 -11.33 -12.29 -10.18
N LYS A 160 -11.66 -11.50 -11.20
CA LYS A 160 -11.30 -11.81 -12.58
C LYS A 160 -9.80 -11.75 -12.75
N VAL A 161 -9.19 -10.73 -12.12
CA VAL A 161 -7.72 -10.48 -12.10
C VAL A 161 -7.05 -11.57 -11.28
N LEU A 162 -7.62 -11.81 -10.07
CA LEU A 162 -7.21 -12.92 -9.20
C LEU A 162 -7.14 -14.25 -9.98
N GLY A 163 -8.26 -14.65 -10.59
CA GLY A 163 -8.27 -15.81 -11.49
C GLY A 163 -7.08 -15.90 -12.44
N GLU A 164 -6.75 -14.80 -13.11
CA GLU A 164 -5.60 -14.79 -14.04
C GLU A 164 -4.23 -14.95 -13.37
N ILE A 165 -4.03 -14.24 -12.28
CA ILE A 165 -2.80 -14.37 -11.53
C ILE A 165 -2.67 -15.82 -11.10
N ARG A 166 -3.76 -16.43 -10.62
CA ARG A 166 -3.70 -17.79 -10.05
C ARG A 166 -3.31 -18.91 -11.06
N LYS A 167 -3.51 -18.65 -12.35
CA LYS A 167 -3.04 -19.57 -13.40
C LYS A 167 -1.54 -19.82 -13.35
N THR A 168 -0.76 -18.77 -13.04
CA THR A 168 0.71 -18.85 -13.09
C THR A 168 1.34 -18.82 -11.73
N ASN A 169 0.66 -18.23 -10.75
CA ASN A 169 1.09 -18.12 -9.37
C ASN A 169 -0.03 -18.64 -8.49
N PRO A 170 -0.07 -19.97 -8.24
CA PRO A 170 -1.19 -20.62 -7.56
C PRO A 170 -1.33 -20.27 -6.07
N SER A 171 -0.25 -19.89 -5.41
CA SER A 171 -0.33 -19.60 -3.97
C SER A 171 0.28 -18.28 -3.52
N ARG A 172 0.89 -17.53 -4.44
CA ARG A 172 1.47 -16.25 -4.07
C ARG A 172 0.40 -15.44 -3.33
N ILE A 173 0.81 -14.78 -2.24
CA ILE A 173 -0.05 -13.79 -1.58
C ILE A 173 -0.45 -12.68 -2.52
N VAL A 174 -1.76 -12.51 -2.60
CA VAL A 174 -2.40 -11.39 -3.28
C VAL A 174 -3.13 -10.55 -2.26
N ILE A 175 -2.79 -9.27 -2.25
CA ILE A 175 -3.43 -8.29 -1.35
C ILE A 175 -4.63 -7.61 -2.04
N ILE A 176 -5.73 -7.52 -1.29
CA ILE A 176 -6.99 -7.09 -1.82
C ILE A 176 -7.36 -5.83 -1.11
N ASP A 177 -7.39 -4.73 -1.83
CA ASP A 177 -7.68 -3.43 -1.20
C ASP A 177 -9.14 -3.24 -0.91
N VAL A 178 -9.45 -2.60 0.22
CA VAL A 178 -10.80 -2.18 0.55
C VAL A 178 -11.20 -1.04 -0.42
N PRO A 179 -12.45 -1.03 -0.93
CA PRO A 179 -12.88 0.05 -1.84
C PRO A 179 -13.11 1.38 -1.12
N ASN A 180 -13.67 2.33 -1.87
CA ASN A 180 -13.78 3.72 -1.42
C ASN A 180 -12.52 4.32 -0.82
N TRP A 181 -11.43 4.32 -1.61
CA TRP A 181 -10.11 4.81 -1.17
C TRP A 181 -9.48 3.91 -0.08
N SER A 182 -10.01 2.71 0.10
CA SER A 182 -9.57 1.81 1.17
C SER A 182 -9.82 2.37 2.56
N ASN A 183 -10.83 3.22 2.68
CA ASN A 183 -11.12 3.83 3.94
C ASN A 183 -11.50 2.71 4.91
N TYR A 184 -11.09 2.81 6.18
CA TYR A 184 -11.45 1.79 7.18
C TYR A 184 -12.94 1.42 7.18
N SER A 185 -13.87 2.36 7.01
CA SER A 185 -15.28 2.00 7.21
C SER A 185 -15.91 1.25 6.05
N TYR A 186 -15.16 0.98 4.99
CA TYR A 186 -15.75 0.32 3.84
C TYR A 186 -15.42 -1.17 3.82
N VAL A 187 -14.87 -1.64 4.93
CA VAL A 187 -14.43 -3.02 5.05
C VAL A 187 -15.60 -4.00 4.85
N ARG A 188 -16.74 -3.68 5.46
CA ARG A 188 -17.93 -4.49 5.33
C ARG A 188 -18.49 -4.54 3.89
N GLU A 189 -18.01 -3.65 3.02
CA GLU A 189 -18.43 -3.66 1.58
C GLU A 189 -17.65 -4.63 0.67
N LEU A 190 -16.45 -5.04 1.10
CA LEU A 190 -15.61 -6.00 0.40
C LEU A 190 -16.20 -7.39 0.49
N LYS A 191 -16.42 -7.96 -0.69
CA LYS A 191 -16.86 -9.33 -0.86
C LYS A 191 -15.62 -10.24 -1.15
N LEU A 192 -15.27 -11.11 -0.21
CA LEU A 192 -14.12 -12.02 -0.35
C LEU A 192 -14.31 -13.23 -1.27
N VAL A 193 -13.23 -13.94 -1.57
CA VAL A 193 -13.30 -15.17 -2.35
C VAL A 193 -12.68 -16.34 -1.56
N ASP A 194 -12.98 -17.57 -1.98
CA ASP A 194 -12.45 -18.76 -1.33
C ASP A 194 -11.04 -19.00 -1.85
N ASP A 195 -10.10 -18.25 -1.31
CA ASP A 195 -8.69 -18.32 -1.64
C ASP A 195 -8.01 -18.28 -0.29
N LYS A 196 -7.03 -19.16 -0.08
CA LYS A 196 -6.28 -19.25 1.18
C LYS A 196 -5.05 -18.34 1.27
N ASN A 197 -4.65 -17.76 0.15
CA ASN A 197 -3.50 -16.88 0.13
C ASN A 197 -3.84 -15.45 -0.28
N ILE A 198 -4.80 -14.85 0.45
CA ILE A 198 -5.18 -13.43 0.27
C ILE A 198 -5.04 -12.65 1.58
N ILE A 199 -4.70 -11.37 1.45
CA ILE A 199 -4.67 -10.44 2.56
C ILE A 199 -5.51 -9.24 2.20
N VAL A 200 -6.22 -8.72 3.18
CA VAL A 200 -7.05 -7.54 2.94
C VAL A 200 -6.34 -6.32 3.49
N SER A 201 -6.46 -5.21 2.77
CA SER A 201 -5.74 -4.00 3.10
C SER A 201 -6.64 -2.79 3.15
N PHE A 202 -6.46 -2.01 4.22
CA PHE A 202 -7.00 -0.67 4.31
C PHE A 202 -5.90 0.35 4.55
N HIS A 203 -6.24 1.61 4.37
CA HIS A 203 -5.32 2.69 4.60
C HIS A 203 -5.92 3.62 5.62
N TYR A 204 -5.06 4.10 6.52
CA TYR A 204 -5.57 4.95 7.56
C TYR A 204 -4.98 6.34 7.44
N TYR A 205 -5.84 7.33 7.28
CA TYR A 205 -5.42 8.73 7.40
C TYR A 205 -6.39 9.64 8.19
N GLU A 206 -7.18 9.12 9.13
CA GLU A 206 -8.02 9.95 10.01
C GLU A 206 -7.23 10.49 11.23
N PRO A 207 -7.56 11.72 11.70
CA PRO A 207 -8.51 12.65 11.08
C PRO A 207 -7.87 13.26 9.84
N PHE A 208 -8.64 13.22 8.75
CA PHE A 208 -8.12 13.56 7.44
C PHE A 208 -7.71 15.01 7.38
N ASN A 209 -8.40 15.86 8.15
CA ASN A 209 -8.12 17.26 8.10
C ASN A 209 -6.81 17.58 8.83
N PHE A 210 -6.34 16.61 9.62
CA PHE A 210 -5.02 16.65 10.28
C PHE A 210 -3.91 16.13 9.38
N THR A 211 -4.03 14.86 8.96
CA THR A 211 -3.01 14.22 8.10
C THR A 211 -2.83 14.89 6.73
N HIS A 212 -3.84 15.61 6.24
CA HIS A 212 -3.72 16.24 4.93
C HIS A 212 -3.91 17.73 5.07
N GLN A 213 -3.48 18.30 6.18
CA GLN A 213 -3.47 19.74 6.22
C GLN A 213 -2.39 20.30 5.29
N GLY A 214 -2.76 21.33 4.56
CA GLY A 214 -1.86 21.98 3.63
C GLY A 214 -1.62 21.27 2.31
N ALA A 215 -2.15 20.07 2.16
CA ALA A 215 -1.95 19.33 0.90
C ALA A 215 -2.62 20.07 -0.26
N GLU A 216 -1.79 20.72 -1.08
CA GLU A 216 -2.31 21.55 -2.21
C GLU A 216 -3.13 20.73 -3.20
N TRP A 217 -2.87 19.42 -3.25
CA TRP A 217 -3.60 18.51 -4.14
C TRP A 217 -4.98 18.05 -3.63
N VAL A 218 -5.44 18.59 -2.52
CA VAL A 218 -6.78 18.26 -2.02
C VAL A 218 -7.67 19.44 -2.32
N SER A 219 -8.91 19.22 -2.77
CA SER A 219 -9.85 20.33 -3.01
C SER A 219 -11.11 20.21 -2.20
N PRO A 220 -11.43 21.23 -1.38
CA PRO A 220 -10.62 22.43 -1.23
C PRO A 220 -9.36 22.08 -0.47
N THR A 221 -8.28 22.84 -0.63
CA THR A 221 -7.15 22.57 0.23
C THR A 221 -7.44 22.95 1.70
N LEU A 222 -6.96 22.15 2.64
CA LEU A 222 -7.32 22.28 4.08
C LEU A 222 -6.42 23.23 4.88
N PRO A 223 -6.95 23.79 5.97
CA PRO A 223 -6.14 24.74 6.73
C PRO A 223 -5.04 24.07 7.50
N ILE A 224 -3.93 24.80 7.70
CA ILE A 224 -2.80 24.33 8.47
C ILE A 224 -2.95 24.71 9.95
N GLY A 225 -2.15 24.10 10.81
CA GLY A 225 -2.12 24.49 12.22
C GLY A 225 -3.05 23.64 13.08
N VAL A 226 -3.54 22.55 12.48
CA VAL A 226 -4.41 21.59 13.12
C VAL A 226 -3.60 20.56 13.87
N LYS A 227 -3.84 20.48 15.17
CA LYS A 227 -3.09 19.65 16.08
C LYS A 227 -3.67 18.23 16.24
N TRP A 228 -2.81 17.33 16.69
CA TRP A 228 -3.20 16.01 17.14
C TRP A 228 -2.36 15.74 18.37
N GLU A 229 -3.05 15.55 19.49
CA GLU A 229 -2.36 15.68 20.74
C GLU A 229 -2.31 14.44 21.60
N GLY A 230 -2.74 13.27 21.11
CA GLY A 230 -2.70 12.02 21.92
C GLY A 230 -3.66 11.94 23.13
N LYS A 231 -4.74 12.70 23.07
CA LYS A 231 -5.68 12.75 24.17
C LYS A 231 -6.56 11.50 24.20
N ASP A 232 -7.00 11.10 25.39
CA ASP A 232 -7.87 9.95 25.55
C ASP A 232 -8.93 9.84 24.47
N TRP A 233 -9.63 10.96 24.17
CA TRP A 233 -10.68 10.96 23.11
C TRP A 233 -10.09 10.81 21.71
N GLU A 234 -8.85 11.25 21.52
CA GLU A 234 -8.20 11.11 20.19
C GLU A 234 -7.77 9.66 19.92
N VAL A 235 -7.17 9.02 20.92
CA VAL A 235 -6.74 7.64 20.86
C VAL A 235 -7.96 6.71 20.70
N GLU A 236 -9.08 7.07 21.28
CA GLU A 236 -10.26 6.24 21.16
C GLU A 236 -10.90 6.28 19.78
N GLN A 237 -10.79 7.40 19.07
CA GLN A 237 -11.30 7.48 17.70
C GLN A 237 -10.63 6.35 16.89
N ILE A 238 -9.29 6.29 16.92
CA ILE A 238 -8.48 5.36 16.13
C ILE A 238 -8.74 3.96 16.60
N ARG A 239 -8.71 3.74 17.92
CA ARG A 239 -9.02 2.42 18.47
C ARG A 239 -10.43 1.98 18.06
N ASN A 240 -11.39 2.91 18.04
CA ASN A 240 -12.72 2.56 17.59
C ASN A 240 -12.74 2.13 16.12
N HIS A 241 -12.01 2.86 15.27
CA HIS A 241 -11.88 2.55 13.83
C HIS A 241 -11.27 1.17 13.51
N PHE A 242 -10.16 0.86 14.18
CA PHE A 242 -9.37 -0.38 14.02
C PHE A 242 -10.07 -1.64 14.55
N LYS A 243 -10.78 -1.48 15.66
CA LYS A 243 -11.49 -2.54 16.32
C LYS A 243 -12.60 -3.02 15.37
N TYR A 244 -13.27 -2.07 14.73
CA TYR A 244 -14.21 -2.33 13.65
C TYR A 244 -13.58 -3.15 12.48
N VAL A 245 -12.41 -2.73 12.00
CA VAL A 245 -11.73 -3.47 10.95
C VAL A 245 -11.38 -4.89 11.48
N SER A 246 -10.81 -4.94 12.68
CA SER A 246 -10.47 -6.21 13.31
C SER A 246 -11.66 -7.16 13.50
N GLU A 247 -12.79 -6.68 14.04
CA GLU A 247 -13.96 -7.53 14.17
C GLU A 247 -14.41 -8.13 12.81
N TRP A 248 -14.32 -7.35 11.74
CA TRP A 248 -14.75 -7.86 10.41
C TRP A 248 -13.72 -8.85 9.84
N ALA A 249 -12.45 -8.57 10.02
CA ALA A 249 -11.42 -9.48 9.54
C ALA A 249 -11.52 -10.82 10.25
N LYS A 250 -11.82 -10.78 11.54
CA LYS A 250 -11.97 -11.99 12.31
C LYS A 250 -13.18 -12.84 11.90
N LYS A 251 -14.31 -12.19 11.60
CA LYS A 251 -15.47 -12.91 11.23
C LYS A 251 -15.31 -13.47 9.82
N ASN A 252 -14.57 -12.77 8.97
CA ASN A 252 -14.27 -13.26 7.60
C ASN A 252 -12.96 -14.02 7.42
N ASN A 253 -12.32 -14.37 8.54
CA ASN A 253 -11.16 -15.29 8.57
C ASN A 253 -10.03 -14.87 7.64
N VAL A 254 -9.70 -13.57 7.71
CA VAL A 254 -8.76 -12.94 6.80
C VAL A 254 -7.78 -12.03 7.58
N PRO A 255 -6.47 -11.96 7.17
CA PRO A 255 -5.53 -11.11 7.89
C PRO A 255 -5.61 -9.67 7.42
N ILE A 256 -5.20 -8.69 8.25
CA ILE A 256 -5.23 -7.29 7.79
C ILE A 256 -3.79 -6.70 7.55
N PHE A 257 -3.62 -5.93 6.47
CA PHE A 257 -2.41 -5.15 6.20
C PHE A 257 -2.88 -3.72 6.08
N LEU A 258 -2.37 -2.86 6.98
CA LEU A 258 -2.61 -1.43 6.95
C LEU A 258 -1.59 -0.86 5.98
N GLY A 259 -2.02 -0.68 4.75
CA GLY A 259 -1.07 -0.55 3.67
C GLY A 259 -0.46 0.82 3.58
N GLU A 260 -1.11 1.81 4.21
CA GLU A 260 -0.62 3.18 4.22
C GLU A 260 -1.10 3.84 5.49
N PHE A 261 -0.20 4.61 6.08
CA PHE A 261 -0.55 5.55 7.13
C PHE A 261 0.59 6.58 7.18
N GLY A 262 0.25 7.84 7.38
CA GLY A 262 1.23 8.91 7.44
C GLY A 262 0.52 10.26 7.61
N ALA A 263 1.22 11.22 8.23
CA ALA A 263 0.74 12.59 8.23
C ALA A 263 1.69 13.47 7.41
N TYR A 264 1.10 14.33 6.60
CA TYR A 264 1.83 15.22 5.65
C TYR A 264 2.70 16.29 6.37
N SER A 265 3.86 16.61 5.79
CA SER A 265 4.87 17.46 6.43
C SER A 265 4.40 18.87 6.83
N LYS A 266 3.27 19.34 6.33
CA LYS A 266 2.75 20.65 6.73
C LYS A 266 2.04 20.61 8.09
N ALA A 267 1.72 19.41 8.57
CA ALA A 267 1.30 19.27 9.96
C ALA A 267 2.57 19.50 10.80
N ASP A 268 2.38 20.00 12.02
CA ASP A 268 3.50 20.21 12.93
C ASP A 268 4.05 18.84 13.42
N MET A 269 5.37 18.78 13.64
CA MET A 269 6.12 17.53 13.86
C MET A 269 5.67 16.76 15.10
N GLU A 270 5.49 17.49 16.18
CA GLU A 270 5.00 16.85 17.39
C GLU A 270 3.73 16.05 17.14
N SER A 271 2.71 16.67 16.56
CA SER A 271 1.50 15.91 16.24
C SER A 271 1.80 14.70 15.35
N ARG A 272 2.72 14.83 14.40
CA ARG A 272 2.95 13.68 13.51
C ARG A 272 3.56 12.52 14.31
N VAL A 273 4.52 12.86 15.19
CA VAL A 273 5.24 11.87 15.94
C VAL A 273 4.23 11.14 16.83
N LYS A 274 3.38 11.91 17.52
CA LYS A 274 2.29 11.38 18.37
C LYS A 274 1.26 10.51 17.56
N TRP A 275 0.69 11.09 16.52
CA TRP A 275 -0.28 10.41 15.67
C TRP A 275 0.34 9.13 15.10
N THR A 276 1.56 9.22 14.59
CA THR A 276 2.17 8.06 13.94
C THR A 276 2.43 6.93 14.91
N LYS A 277 2.98 7.25 16.06
CA LYS A 277 3.21 6.28 17.13
C LYS A 277 1.89 5.58 17.49
N THR A 278 0.86 6.35 17.77
CA THR A 278 -0.44 5.78 18.17
C THR A 278 -1.03 4.78 17.14
N VAL A 279 -1.00 5.13 15.85
CA VAL A 279 -1.50 4.25 14.81
C VAL A 279 -0.70 2.95 14.73
N ARG A 280 0.64 3.06 14.75
CA ARG A 280 1.49 1.85 14.84
C ARG A 280 1.09 0.93 15.99
N ARG A 281 1.00 1.50 17.20
CA ARG A 281 0.63 0.84 18.44
C ARG A 281 -0.71 0.13 18.34
N ILE A 282 -1.69 0.80 17.76
CA ILE A 282 -3.03 0.22 17.64
C ILE A 282 -3.07 -0.80 16.49
N ALA A 283 -2.44 -0.48 15.37
CA ALA A 283 -2.25 -1.46 14.34
C ALA A 283 -1.61 -2.74 14.92
N GLU A 284 -0.59 -2.60 15.77
CA GLU A 284 0.07 -3.77 16.43
C GLU A 284 -0.81 -4.59 17.35
N GLU A 285 -1.54 -3.90 18.22
CA GLU A 285 -2.46 -4.53 19.17
C GLU A 285 -3.56 -5.39 18.50
N PHE A 286 -3.94 -5.01 17.28
CA PHE A 286 -4.92 -5.78 16.57
C PHE A 286 -4.30 -6.76 15.61
N GLY A 287 -2.96 -6.84 15.62
CA GLY A 287 -2.24 -7.82 14.80
C GLY A 287 -2.36 -7.54 13.31
N PHE A 288 -2.46 -6.25 12.97
CA PHE A 288 -2.35 -5.79 11.60
C PHE A 288 -0.87 -5.63 11.25
N SER A 289 -0.46 -6.09 10.07
CA SER A 289 0.87 -5.70 9.57
C SER A 289 0.68 -4.27 9.11
N LEU A 290 1.75 -3.54 8.85
CA LEU A 290 1.63 -2.12 8.50
C LEU A 290 2.77 -1.61 7.61
N ALA A 291 2.51 -0.51 6.92
CA ALA A 291 3.49 0.05 6.02
C ALA A 291 3.23 1.54 5.97
N TYR A 292 4.29 2.31 6.26
CA TYR A 292 4.18 3.74 6.45
C TYR A 292 4.25 4.42 5.10
N TRP A 293 3.43 5.45 4.93
CA TRP A 293 3.40 6.22 3.72
C TRP A 293 4.06 7.56 4.04
N GLU A 294 5.31 7.82 3.61
CA GLU A 294 6.07 7.13 2.57
C GLU A 294 7.55 7.37 2.93
N PHE A 295 8.48 6.92 2.09
CA PHE A 295 9.93 6.91 2.41
C PHE A 295 10.64 8.28 2.41
N CYS A 296 10.46 9.03 1.32
CA CYS A 296 11.01 10.36 1.26
C CYS A 296 9.88 11.20 0.71
N ALA A 297 10.15 12.39 0.18
CA ALA A 297 9.02 13.23 -0.32
C ALA A 297 8.16 13.75 0.84
N GLY A 298 6.92 14.19 0.54
CA GLY A 298 6.15 15.02 1.45
C GLY A 298 5.71 14.46 2.78
N PHE A 299 5.62 13.11 2.91
CA PHE A 299 5.25 12.45 4.17
C PHE A 299 6.50 11.72 4.69
N GLY A 300 7.65 12.00 4.06
CA GLY A 300 8.86 11.22 4.22
C GLY A 300 9.45 11.01 5.59
N LEU A 301 10.06 9.85 5.77
CA LEU A 301 10.75 9.55 7.01
C LEU A 301 12.21 9.84 6.78
N TYR A 302 12.64 9.77 5.52
CA TYR A 302 14.06 9.81 5.24
C TYR A 302 14.44 11.05 4.49
N ASP A 303 15.47 11.73 4.99
CA ASP A 303 15.89 13.02 4.45
C ASP A 303 17.04 12.73 3.48
N ARG A 304 16.75 12.89 2.20
CA ARG A 304 17.70 12.57 1.14
C ARG A 304 18.90 13.51 1.08
N TRP A 305 18.75 14.72 1.60
CA TRP A 305 19.81 15.68 1.51
C TRP A 305 20.95 15.34 2.48
N THR A 306 20.54 15.14 3.73
CA THR A 306 21.39 14.77 4.85
C THR A 306 21.70 13.26 4.89
N LYS A 307 20.96 12.46 4.11
CA LYS A 307 21.07 10.99 4.13
C LYS A 307 20.84 10.33 5.53
N THR A 308 19.84 10.86 6.27
CA THR A 308 19.58 10.54 7.67
C THR A 308 18.09 10.35 7.86
N TRP A 309 17.68 9.49 8.78
CA TRP A 309 16.27 9.32 9.02
C TRP A 309 15.81 10.48 9.86
N ILE A 310 14.55 10.85 9.71
CA ILE A 310 13.95 11.92 10.49
C ILE A 310 13.41 11.30 11.79
N GLU A 311 13.82 11.88 12.92
CA GLU A 311 13.59 11.32 14.27
C GLU A 311 13.03 12.35 15.21
N PRO A 312 12.21 11.89 16.18
CA PRO A 312 11.78 10.48 16.37
C PRO A 312 10.67 9.96 15.45
N LEU A 313 10.27 10.72 14.44
CA LEU A 313 9.20 10.25 13.54
C LEU A 313 9.39 8.81 13.03
N THR A 314 10.60 8.46 12.58
CA THR A 314 10.90 7.13 12.05
C THR A 314 10.68 6.08 13.12
N THR A 315 11.03 6.42 14.36
CA THR A 315 10.77 5.55 15.51
C THR A 315 9.27 5.44 15.75
N SER A 316 8.58 6.57 15.63
CA SER A 316 7.11 6.53 15.65
C SER A 316 6.55 5.49 14.68
N ALA A 317 7.09 5.45 13.47
CA ALA A 317 6.53 4.62 12.40
C ALA A 317 6.93 3.16 12.56
N LEU A 318 8.13 2.92 13.11
CA LEU A 318 8.76 1.58 13.12
C LEU A 318 8.66 0.90 14.48
N GLY A 319 8.78 1.68 15.55
CA GLY A 319 8.71 1.13 16.88
C GLY A 319 10.01 0.65 17.47
N LYS A 320 11.10 1.00 16.83
CA LYS A 320 12.43 0.77 17.33
C LYS A 320 13.37 1.62 16.48
#